data_7BX2
#
_entry.id   7BX2
#
_entity_poly.entity_id   1
_entity_poly.type   'polypeptide(L)'
_entity_poly.pdbx_seq_one_letter_code
;VKWVKKVVKWVKKV
;
_entity_poly.pdbx_strand_id   A
#
# COMPACT_ATOMS: atom_id res chain seq x y z
N VAL A 1 6.16 5.21 7.43
CA VAL A 1 6.87 5.52 6.20
C VAL A 1 7.37 4.25 5.53
N LYS A 2 7.59 3.21 6.33
CA LYS A 2 8.08 1.93 5.81
C LYS A 2 6.96 1.14 5.14
N TRP A 3 5.72 1.43 5.54
CA TRP A 3 4.56 0.75 4.99
C TRP A 3 4.13 1.40 3.67
N VAL A 4 4.88 2.42 3.26
CA VAL A 4 4.58 3.12 2.01
C VAL A 4 4.47 2.15 0.84
N LYS A 5 5.10 0.98 0.99
CA LYS A 5 5.08 -0.03 -0.06
C LYS A 5 3.73 -0.75 -0.09
N LYS A 6 3.17 -0.98 1.09
CA LYS A 6 1.88 -1.65 1.20
C LYS A 6 0.73 -0.67 1.02
N VAL A 7 0.93 0.56 1.48
CA VAL A 7 -0.08 1.60 1.37
C VAL A 7 -0.63 1.69 -0.06
N VAL A 8 0.27 1.91 -1.01
CA VAL A 8 -0.12 2.02 -2.41
C VAL A 8 -0.65 0.69 -2.94
N LYS A 9 -0.38 -0.38 -2.20
CA LYS A 9 -0.84 -1.71 -2.59
C LYS A 9 -2.28 -1.95 -2.12
N TRP A 10 -2.90 -0.91 -1.58
CA TRP A 10 -4.27 -0.99 -1.09
C TRP A 10 -5.26 -0.99 -2.25
N VAL A 11 -5.17 0.02 -3.09
CA VAL A 11 -6.06 0.15 -4.25
C VAL A 11 -5.95 -1.07 -5.15
N LYS A 12 -4.76 -1.67 -5.19
CA LYS A 12 -4.52 -2.84 -6.02
C LYS A 12 -5.04 -4.11 -5.34
N LYS A 13 -4.93 -4.14 -4.02
CA LYS A 13 -5.40 -5.30 -3.24
C LYS A 13 -6.91 -5.44 -3.34
N VAL A 14 -7.62 -4.42 -2.86
CA VAL A 14 -9.08 -4.43 -2.88
C VAL A 14 -9.60 -4.29 -4.31
N VAL A 1 7.43 5.23 6.29
CA VAL A 1 8.05 4.92 5.02
C VAL A 1 7.93 3.43 4.69
N LYS A 2 7.81 2.62 5.74
CA LYS A 2 7.68 1.18 5.57
C LYS A 2 6.22 0.78 5.34
N TRP A 3 5.32 1.60 5.85
CA TRP A 3 3.89 1.33 5.71
C TRP A 3 3.39 1.78 4.34
N VAL A 4 3.89 2.93 3.89
CA VAL A 4 3.49 3.47 2.59
C VAL A 4 3.61 2.42 1.49
N LYS A 5 4.51 1.46 1.69
CA LYS A 5 4.72 0.40 0.71
C LYS A 5 3.43 -0.36 0.45
N LYS A 6 2.76 -0.77 1.53
CA LYS A 6 1.50 -1.51 1.42
C LYS A 6 0.33 -0.55 1.24
N VAL A 7 0.42 0.62 1.86
CA VAL A 7 -0.64 1.62 1.77
C VAL A 7 -1.04 1.85 0.32
N VAL A 8 -0.08 2.23 -0.51
CA VAL A 8 -0.34 2.49 -1.93
C VAL A 8 -0.76 1.20 -2.65
N LYS A 9 -0.50 0.06 -2.01
CA LYS A 9 -0.85 -1.23 -2.59
C LYS A 9 -2.30 -1.58 -2.29
N TRP A 10 -3.03 -0.64 -1.70
CA TRP A 10 -4.43 -0.85 -1.36
C TRP A 10 -5.29 -0.94 -2.62
N VAL A 11 -5.07 -0.01 -3.55
CA VAL A 11 -5.82 0.01 -4.79
C VAL A 11 -5.73 -1.33 -5.51
N LYS A 12 -4.62 -2.04 -5.31
CA LYS A 12 -4.42 -3.34 -5.93
C LYS A 12 -5.00 -4.46 -5.07
N LYS A 13 -5.00 -4.25 -3.76
CA LYS A 13 -5.53 -5.24 -2.83
C LYS A 13 -7.05 -5.34 -2.96
N VAL A 14 -7.74 -4.23 -2.72
CA VAL A 14 -9.19 -4.20 -2.81
C VAL A 14 -9.64 -4.07 -4.26
N VAL A 1 7.32 4.82 7.54
CA VAL A 1 8.16 5.09 6.38
C VAL A 1 8.06 3.95 5.37
N LYS A 2 8.28 2.73 5.84
CA LYS A 2 8.23 1.55 4.97
C LYS A 2 6.78 1.08 4.80
N TRP A 3 5.91 1.53 5.68
CA TRP A 3 4.50 1.16 5.62
C TRP A 3 3.82 1.78 4.41
N VAL A 4 4.23 3.00 4.07
CA VAL A 4 3.66 3.70 2.92
C VAL A 4 3.71 2.84 1.66
N LYS A 5 4.65 1.90 1.63
CA LYS A 5 4.82 1.00 0.49
C LYS A 5 3.58 0.12 0.32
N LYS A 6 3.01 -0.31 1.44
CA LYS A 6 1.83 -1.16 1.40
C LYS A 6 0.56 -0.32 1.27
N VAL A 7 0.58 0.88 1.85
CA VAL A 7 -0.56 1.78 1.79
C VAL A 7 -1.06 1.94 0.36
N VAL A 8 -0.19 2.37 -0.53
CA VAL A 8 -0.54 2.57 -1.93
C VAL A 8 -0.87 1.24 -2.60
N LYS A 9 -0.48 0.15 -1.96
CA LYS A 9 -0.74 -1.19 -2.48
C LYS A 9 -2.15 -1.65 -2.11
N TRP A 10 -2.92 -0.76 -1.51
CA TRP A 10 -4.29 -1.09 -1.10
C TRP A 10 -5.18 -1.29 -2.32
N VAL A 11 -4.98 -0.45 -3.34
CA VAL A 11 -5.77 -0.54 -4.57
C VAL A 11 -5.67 -1.94 -5.18
N LYS A 12 -4.58 -2.63 -4.90
CA LYS A 12 -4.37 -3.98 -5.42
C LYS A 12 -4.84 -5.03 -4.43
N LYS A 13 -4.75 -4.70 -3.14
CA LYS A 13 -5.18 -5.61 -2.08
C LYS A 13 -6.70 -5.71 -2.02
N VAL A 14 -7.37 -4.64 -2.46
CA VAL A 14 -8.83 -4.60 -2.46
C VAL A 14 -9.41 -5.66 -3.40
N VAL A 1 8.18 4.69 6.37
CA VAL A 1 8.67 4.61 5.00
C VAL A 1 8.38 3.26 4.39
N LYS A 2 8.25 2.24 5.24
CA LYS A 2 7.97 0.89 4.78
C LYS A 2 6.47 0.67 4.61
N TRP A 3 5.69 1.42 5.35
CA TRP A 3 4.22 1.31 5.28
C TRP A 3 3.69 2.01 4.05
N VAL A 4 4.25 3.18 3.74
CA VAL A 4 3.82 3.95 2.58
C VAL A 4 3.87 3.11 1.31
N LYS A 5 4.72 2.08 1.32
CA LYS A 5 4.85 1.19 0.17
C LYS A 5 3.65 0.26 0.05
N LYS A 6 3.14 -0.18 1.19
CA LYS A 6 1.99 -1.08 1.23
C LYS A 6 0.68 -0.28 1.12
N VAL A 7 0.67 0.91 1.72
CA VAL A 7 -0.52 1.76 1.69
C VAL A 7 -1.06 1.90 0.28
N VAL A 8 -0.21 2.38 -0.63
CA VAL A 8 -0.60 2.56 -2.02
C VAL A 8 -0.90 1.24 -2.69
N LYS A 9 -0.46 0.16 -2.07
CA LYS A 9 -0.68 -1.19 -2.60
C LYS A 9 -2.05 -1.71 -2.19
N TRP A 10 -2.85 -0.85 -1.56
CA TRP A 10 -4.18 -1.24 -1.12
C TRP A 10 -5.21 -0.99 -2.22
N VAL A 11 -5.01 0.07 -2.98
CA VAL A 11 -5.92 0.40 -4.08
C VAL A 11 -5.83 -0.61 -5.21
N LYS A 12 -4.67 -1.26 -5.32
CA LYS A 12 -4.46 -2.26 -6.36
C LYS A 12 -4.87 -3.64 -5.88
N LYS A 13 -4.70 -3.90 -4.59
CA LYS A 13 -5.06 -5.18 -3.99
C LYS A 13 -6.53 -5.50 -4.24
N VAL A 14 -7.41 -4.64 -3.73
CA VAL A 14 -8.84 -4.83 -3.89
C VAL A 14 -9.26 -4.68 -5.35
N VAL A 1 7.42 4.97 7.44
CA VAL A 1 7.95 5.42 6.16
C VAL A 1 7.91 4.30 5.13
N LYS A 2 8.45 3.15 5.49
CA LYS A 2 8.49 1.99 4.60
C LYS A 2 7.09 1.40 4.43
N TRP A 3 6.20 1.70 5.37
CA TRP A 3 4.84 1.20 5.33
C TRP A 3 4.13 1.67 4.06
N VAL A 4 4.47 2.86 3.60
CA VAL A 4 3.87 3.42 2.40
C VAL A 4 3.94 2.44 1.24
N LYS A 5 4.92 1.54 1.30
CA LYS A 5 5.10 0.54 0.24
C LYS A 5 3.84 -0.28 0.06
N LYS A 6 3.31 -0.81 1.17
CA LYS A 6 2.10 -1.62 1.13
C LYS A 6 0.85 -0.74 1.15
N VAL A 7 0.95 0.39 1.83
CA VAL A 7 -0.17 1.32 1.92
C VAL A 7 -0.76 1.61 0.55
N VAL A 8 0.09 2.11 -0.36
CA VAL A 8 -0.35 2.44 -1.71
C VAL A 8 -0.76 1.17 -2.48
N LYS A 9 -0.36 0.02 -1.96
CA LYS A 9 -0.70 -1.26 -2.58
C LYS A 9 -2.08 -1.73 -2.15
N TRP A 10 -2.79 -0.88 -1.42
CA TRP A 10 -4.13 -1.21 -0.94
C TRP A 10 -5.08 -1.42 -2.11
N VAL A 11 -4.89 -0.64 -3.18
CA VAL A 11 -5.73 -0.75 -4.36
C VAL A 11 -5.32 -1.92 -5.23
N LYS A 12 -4.06 -2.31 -5.12
CA LYS A 12 -3.54 -3.43 -5.90
C LYS A 12 -3.80 -4.76 -5.20
N LYS A 13 -3.94 -4.71 -3.88
CA LYS A 13 -4.21 -5.90 -3.09
C LYS A 13 -5.70 -6.17 -2.98
N VAL A 14 -6.49 -5.09 -2.97
CA VAL A 14 -7.94 -5.20 -2.87
C VAL A 14 -8.48 -6.15 -3.93
N VAL A 1 7.40 4.93 7.47
CA VAL A 1 7.84 5.24 6.12
C VAL A 1 7.77 4.01 5.23
N LYS A 2 7.87 2.83 5.84
CA LYS A 2 7.81 1.58 5.10
C LYS A 2 6.37 1.15 4.85
N TRP A 3 5.47 1.57 5.73
CA TRP A 3 4.06 1.23 5.61
C TRP A 3 3.52 1.64 4.24
N VAL A 4 3.99 2.79 3.74
CA VAL A 4 3.55 3.30 2.45
C VAL A 4 3.68 2.23 1.37
N LYS A 5 4.60 1.30 1.57
CA LYS A 5 4.83 0.22 0.62
C LYS A 5 3.55 -0.58 0.38
N LYS A 6 2.89 -0.98 1.47
CA LYS A 6 1.66 -1.74 1.38
C LYS A 6 0.46 -0.81 1.20
N VAL A 7 0.55 0.38 1.81
CA VAL A 7 -0.53 1.36 1.72
C VAL A 7 -0.96 1.56 0.27
N VAL A 8 -0.02 1.95 -0.58
CA VAL A 8 -0.31 2.18 -1.99
C VAL A 8 -0.71 0.89 -2.69
N LYS A 9 -0.41 -0.24 -2.05
CA LYS A 9 -0.75 -1.54 -2.60
C LYS A 9 -2.19 -1.92 -2.27
N TRP A 10 -2.92 -0.99 -1.69
CA TRP A 10 -4.32 -1.22 -1.32
C TRP A 10 -5.18 -1.46 -2.57
N VAL A 11 -5.22 -0.46 -3.45
CA VAL A 11 -6.00 -0.57 -4.67
C VAL A 11 -5.55 -1.75 -5.53
N LYS A 12 -4.29 -2.15 -5.34
CA LYS A 12 -3.73 -3.27 -6.09
C LYS A 12 -4.45 -4.57 -5.73
N LYS A 13 -4.84 -4.71 -4.47
CA LYS A 13 -5.54 -5.89 -4.00
C LYS A 13 -7.05 -5.66 -4.01
N VAL A 14 -7.46 -4.43 -3.74
CA VAL A 14 -8.88 -4.09 -3.73
C VAL A 14 -9.34 -3.55 -5.08
N VAL A 1 7.86 4.02 7.43
CA VAL A 1 8.37 4.45 6.13
C VAL A 1 8.12 3.39 5.07
N LYS A 2 8.03 2.13 5.51
CA LYS A 2 7.80 1.02 4.59
C LYS A 2 6.31 0.83 4.33
N TRP A 3 5.49 1.25 5.29
CA TRP A 3 4.04 1.13 5.17
C TRP A 3 3.54 1.85 3.93
N VAL A 4 4.13 3.00 3.63
CA VAL A 4 3.75 3.80 2.46
C VAL A 4 3.78 2.95 1.20
N LYS A 5 4.60 1.90 1.21
CA LYS A 5 4.74 1.01 0.06
C LYS A 5 3.52 0.11 -0.08
N LYS A 6 2.97 -0.31 1.06
CA LYS A 6 1.80 -1.18 1.08
C LYS A 6 0.52 -0.37 0.96
N VAL A 7 0.53 0.83 1.54
CA VAL A 7 -0.63 1.71 1.51
C VAL A 7 -1.15 1.87 0.08
N VAL A 8 -0.27 2.32 -0.81
CA VAL A 8 -0.64 2.52 -2.21
C VAL A 8 -0.97 1.20 -2.89
N LYS A 9 -0.59 0.10 -2.25
CA LYS A 9 -0.85 -1.22 -2.78
C LYS A 9 -2.24 -1.71 -2.39
N TRP A 10 -3.03 -0.81 -1.82
CA TRP A 10 -4.39 -1.14 -1.39
C TRP A 10 -5.31 -1.29 -2.60
N VAL A 11 -5.07 -0.49 -3.63
CA VAL A 11 -5.87 -0.54 -4.85
C VAL A 11 -5.79 -1.91 -5.50
N LYS A 12 -4.70 -2.62 -5.26
CA LYS A 12 -4.49 -3.95 -5.83
C LYS A 12 -4.97 -5.03 -4.87
N LYS A 13 -4.87 -4.74 -3.57
CA LYS A 13 -5.30 -5.69 -2.55
C LYS A 13 -6.82 -5.76 -2.46
N VAL A 14 -7.47 -4.65 -2.81
CA VAL A 14 -8.93 -4.58 -2.78
C VAL A 14 -9.56 -5.51 -3.80
N VAL A 1 7.42 5.18 7.46
CA VAL A 1 8.29 5.24 6.29
C VAL A 1 8.12 4.02 5.40
N LYS A 2 8.23 2.84 6.00
CA LYS A 2 8.08 1.59 5.26
C LYS A 2 6.62 1.22 5.10
N TRP A 3 5.76 1.84 5.92
CA TRP A 3 4.34 1.57 5.86
C TRP A 3 3.72 2.10 4.57
N VAL A 4 4.24 3.25 4.11
CA VAL A 4 3.75 3.87 2.89
C VAL A 4 3.74 2.88 1.73
N LYS A 5 4.61 1.87 1.83
CA LYS A 5 4.70 0.85 0.78
C LYS A 5 3.40 0.05 0.67
N LYS A 6 2.78 -0.22 1.82
CA LYS A 6 1.53 -0.96 1.85
C LYS A 6 0.34 -0.05 1.60
N VAL A 7 0.47 1.21 2.05
CA VAL A 7 -0.60 2.18 1.87
C VAL A 7 -1.08 2.23 0.42
N VAL A 8 -0.14 2.50 -0.49
CA VAL A 8 -0.45 2.57 -1.91
C VAL A 8 -0.92 1.21 -2.44
N LYS A 9 -0.65 0.16 -1.67
CA LYS A 9 -1.04 -1.19 -2.06
C LYS A 9 -2.47 -1.48 -1.65
N TRP A 10 -3.18 -0.46 -1.21
CA TRP A 10 -4.57 -0.60 -0.78
C TRP A 10 -5.47 -0.92 -1.97
N VAL A 11 -5.51 0.00 -2.93
CA VAL A 11 -6.33 -0.18 -4.13
C VAL A 11 -5.79 -1.28 -5.01
N LYS A 12 -4.50 -1.59 -4.84
CA LYS A 12 -3.85 -2.63 -5.62
C LYS A 12 -4.66 -3.93 -5.59
N LYS A 13 -4.89 -4.44 -4.39
CA LYS A 13 -5.65 -5.67 -4.22
C LYS A 13 -7.04 -5.38 -3.66
N VAL A 14 -7.10 -4.45 -2.71
CA VAL A 14 -8.38 -4.07 -2.09
C VAL A 14 -8.99 -2.85 -2.80
N VAL A 1 7.92 4.78 7.35
CA VAL A 1 8.23 5.23 5.99
C VAL A 1 8.10 4.08 5.00
N LYS A 2 8.25 2.86 5.49
CA LYS A 2 8.14 1.68 4.65
C LYS A 2 6.69 1.24 4.50
N TRP A 3 5.87 1.56 5.48
CA TRP A 3 4.46 1.21 5.46
C TRP A 3 3.78 1.75 4.20
N VAL A 4 4.18 2.95 3.80
CA VAL A 4 3.61 3.58 2.61
C VAL A 4 3.67 2.63 1.42
N LYS A 5 4.64 1.73 1.43
CA LYS A 5 4.81 0.77 0.35
C LYS A 5 3.54 -0.05 0.15
N LYS A 6 3.01 -0.59 1.25
CA LYS A 6 1.80 -1.40 1.20
C LYS A 6 0.55 -0.51 1.22
N VAL A 7 0.65 0.60 1.93
CA VAL A 7 -0.47 1.53 2.04
C VAL A 7 -1.04 1.87 0.67
N VAL A 8 -0.19 2.37 -0.23
CA VAL A 8 -0.61 2.72 -1.57
C VAL A 8 -1.03 1.49 -2.37
N LYS A 9 -0.64 0.32 -1.87
CA LYS A 9 -0.97 -0.94 -2.53
C LYS A 9 -2.36 -1.42 -2.12
N TRP A 10 -3.07 -0.58 -1.38
CA TRP A 10 -4.42 -0.91 -0.93
C TRP A 10 -5.37 -1.03 -2.11
N VAL A 11 -5.45 0.01 -2.93
CA VAL A 11 -6.32 0.02 -4.10
C VAL A 11 -5.97 -1.13 -5.04
N LYS A 12 -4.69 -1.49 -5.08
CA LYS A 12 -4.23 -2.57 -5.94
C LYS A 12 -4.84 -3.91 -5.52
N LYS A 13 -4.83 -4.17 -4.22
CA LYS A 13 -5.38 -5.41 -3.69
C LYS A 13 -6.89 -5.45 -3.88
N VAL A 14 -7.59 -4.52 -3.26
CA VAL A 14 -9.04 -4.44 -3.36
C VAL A 14 -9.49 -4.46 -4.82
N VAL A 1 8.82 5.80 7.14
CA VAL A 1 7.60 5.41 6.42
C VAL A 1 7.81 4.11 5.66
N LYS A 2 7.67 2.99 6.36
CA LYS A 2 7.84 1.68 5.74
C LYS A 2 6.51 1.15 5.23
N TRP A 3 5.42 1.62 5.82
CA TRP A 3 4.09 1.20 5.42
C TRP A 3 3.61 1.95 4.19
N VAL A 4 4.28 3.07 3.89
CA VAL A 4 3.93 3.89 2.75
C VAL A 4 3.96 3.08 1.45
N LYS A 5 4.67 1.95 1.49
CA LYS A 5 4.78 1.09 0.33
C LYS A 5 3.51 0.26 0.14
N LYS A 6 2.91 -0.16 1.24
CA LYS A 6 1.68 -0.94 1.20
C LYS A 6 0.46 -0.05 1.07
N VAL A 7 0.53 1.13 1.70
CA VAL A 7 -0.58 2.08 1.65
C VAL A 7 -1.05 2.31 0.22
N VAL A 8 -0.13 2.74 -0.64
CA VAL A 8 -0.46 2.98 -2.04
C VAL A 8 -0.84 1.70 -2.76
N LYS A 9 -0.52 0.56 -2.15
CA LYS A 9 -0.83 -0.74 -2.72
C LYS A 9 -2.26 -1.16 -2.37
N TRP A 10 -3.00 -0.25 -1.76
CA TRP A 10 -4.38 -0.51 -1.36
C TRP A 10 -5.21 -0.92 -2.57
N VAL A 11 -4.87 -0.37 -3.74
CA VAL A 11 -5.60 -0.67 -4.96
C VAL A 11 -5.45 -2.15 -5.34
N LYS A 12 -4.37 -2.76 -4.90
CA LYS A 12 -4.12 -4.16 -5.18
C LYS A 12 -4.55 -5.05 -4.01
N LYS A 13 -4.48 -4.49 -2.80
CA LYS A 13 -4.87 -5.22 -1.61
C LYS A 13 -6.39 -5.43 -1.56
N VAL A 14 -7.12 -4.50 -2.14
CA VAL A 14 -8.58 -4.58 -2.17
C VAL A 14 -9.04 -5.80 -2.95
N VAL A 1 7.95 4.99 7.19
CA VAL A 1 8.51 5.00 5.85
C VAL A 1 8.22 3.70 5.11
N LYS A 2 8.01 2.63 5.87
CA LYS A 2 7.72 1.32 5.29
C LYS A 2 6.21 1.14 5.07
N TRP A 3 5.41 1.87 5.85
CA TRP A 3 3.97 1.80 5.73
C TRP A 3 3.49 2.44 4.44
N VAL A 4 4.11 3.55 4.07
CA VAL A 4 3.74 4.27 2.85
C VAL A 4 3.78 3.34 1.64
N LYS A 5 4.58 2.27 1.74
CA LYS A 5 4.71 1.31 0.65
C LYS A 5 3.47 0.42 0.57
N LYS A 6 2.91 0.08 1.73
CA LYS A 6 1.73 -0.76 1.79
C LYS A 6 0.46 0.06 1.60
N VAL A 7 0.49 1.30 2.10
CA VAL A 7 -0.67 2.18 2.00
C VAL A 7 -1.16 2.26 0.55
N VAL A 8 -0.27 2.64 -0.35
CA VAL A 8 -0.61 2.74 -1.77
C VAL A 8 -0.97 1.39 -2.35
N LYS A 9 -0.62 0.33 -1.63
CA LYS A 9 -0.91 -1.03 -2.07
C LYS A 9 -2.31 -1.46 -1.64
N TRP A 10 -3.09 -0.51 -1.15
CA TRP A 10 -4.45 -0.78 -0.70
C TRP A 10 -5.34 -1.19 -1.88
N VAL A 11 -5.66 -0.23 -2.73
CA VAL A 11 -6.50 -0.48 -3.89
C VAL A 11 -5.86 -1.52 -4.81
N LYS A 12 -4.55 -1.69 -4.68
CA LYS A 12 -3.83 -2.65 -5.50
C LYS A 12 -4.49 -4.03 -5.45
N LYS A 13 -4.62 -4.57 -4.24
CA LYS A 13 -5.24 -5.87 -4.05
C LYS A 13 -6.69 -5.72 -3.58
N VAL A 14 -6.92 -4.76 -2.69
CA VAL A 14 -8.26 -4.51 -2.17
C VAL A 14 -9.07 -3.62 -3.11
N VAL A 1 7.98 5.16 6.58
CA VAL A 1 8.54 4.92 5.26
C VAL A 1 8.23 3.51 4.76
N LYS A 2 7.97 2.60 5.70
CA LYS A 2 7.64 1.23 5.35
C LYS A 2 6.15 1.06 5.15
N TRP A 3 5.37 1.93 5.78
CA TRP A 3 3.91 1.87 5.67
C TRP A 3 3.45 2.50 4.36
N VAL A 4 4.08 3.60 3.98
CA VAL A 4 3.72 4.30 2.76
C VAL A 4 3.75 3.36 1.56
N LYS A 5 4.55 2.29 1.67
CA LYS A 5 4.67 1.31 0.60
C LYS A 5 3.42 0.43 0.52
N LYS A 6 2.86 0.12 1.69
CA LYS A 6 1.67 -0.72 1.76
C LYS A 6 0.40 0.12 1.55
N VAL A 7 0.43 1.35 2.04
CA VAL A 7 -0.71 2.26 1.91
C VAL A 7 -1.20 2.32 0.46
N VAL A 8 -0.30 2.67 -0.45
CA VAL A 8 -0.64 2.77 -1.86
C VAL A 8 -1.02 1.41 -2.43
N LYS A 9 -0.67 0.35 -1.69
CA LYS A 9 -0.97 -1.01 -2.12
C LYS A 9 -2.38 -1.41 -1.68
N TRP A 10 -3.15 -0.45 -1.20
CA TRP A 10 -4.52 -0.69 -0.76
C TRP A 10 -5.42 -1.07 -1.93
N VAL A 11 -5.56 -0.15 -2.88
CA VAL A 11 -6.38 -0.37 -4.05
C VAL A 11 -5.76 -1.42 -4.97
N LYS A 12 -4.46 -1.62 -4.83
CA LYS A 12 -3.74 -2.60 -5.64
C LYS A 12 -4.44 -3.95 -5.63
N LYS A 13 -4.61 -4.50 -4.43
CA LYS A 13 -5.27 -5.79 -4.27
C LYS A 13 -6.66 -5.63 -3.66
N VAL A 14 -6.78 -4.69 -2.72
CA VAL A 14 -8.05 -4.43 -2.06
C VAL A 14 -8.76 -3.24 -2.70
N VAL A 1 8.16 4.83 6.49
CA VAL A 1 8.69 4.70 5.14
C VAL A 1 8.41 3.31 4.57
N LYS A 2 8.24 2.34 5.46
CA LYS A 2 7.96 0.97 5.04
C LYS A 2 6.46 0.77 4.83
N TRP A 3 5.66 1.56 5.52
CA TRP A 3 4.20 1.46 5.41
C TRP A 3 3.71 2.16 4.14
N VAL A 4 4.33 3.29 3.81
CA VAL A 4 3.96 4.05 2.63
C VAL A 4 3.95 3.16 1.38
N LYS A 5 4.74 2.08 1.43
CA LYS A 5 4.83 1.16 0.31
C LYS A 5 3.58 0.30 0.21
N LYS A 6 3.04 -0.08 1.36
CA LYS A 6 1.83 -0.90 1.42
C LYS A 6 0.58 -0.04 1.29
N VAL A 7 0.64 1.18 1.83
CA VAL A 7 -0.49 2.09 1.78
C VAL A 7 -1.02 2.23 0.36
N VAL A 8 -0.15 2.62 -0.56
CA VAL A 8 -0.52 2.80 -1.96
C VAL A 8 -0.93 1.46 -2.58
N LYS A 9 -0.58 0.37 -1.91
CA LYS A 9 -0.92 -0.97 -2.39
C LYS A 9 -2.32 -1.38 -1.93
N TRP A 10 -3.07 -0.42 -1.38
CA TRP A 10 -4.42 -0.69 -0.91
C TRP A 10 -5.36 -0.96 -2.08
N VAL A 11 -5.59 0.06 -2.90
CA VAL A 11 -6.47 -0.08 -4.05
C VAL A 11 -5.98 -1.18 -4.99
N LYS A 12 -4.68 -1.47 -4.93
CA LYS A 12 -4.09 -2.50 -5.77
C LYS A 12 -4.81 -3.83 -5.60
N LYS A 13 -4.92 -4.29 -4.35
CA LYS A 13 -5.58 -5.54 -4.05
C LYS A 13 -7.08 -5.33 -3.85
N VAL A 14 -7.42 -4.44 -2.91
CA VAL A 14 -8.82 -4.13 -2.62
C VAL A 14 -9.57 -3.71 -3.89
N VAL A 1 8.11 3.98 7.38
CA VAL A 1 8.54 4.47 6.08
C VAL A 1 8.30 3.42 5.00
N LYS A 2 8.27 2.16 5.40
CA LYS A 2 8.05 1.07 4.46
C LYS A 2 6.55 0.83 4.25
N TRP A 3 5.76 1.19 5.24
CA TRP A 3 4.31 1.02 5.16
C TRP A 3 3.74 1.76 3.96
N VAL A 4 4.28 2.95 3.70
CA VAL A 4 3.83 3.76 2.57
C VAL A 4 3.85 2.96 1.27
N LYS A 5 4.71 1.95 1.22
CA LYS A 5 4.84 1.12 0.04
C LYS A 5 3.67 0.15 -0.07
N LYS A 6 3.18 -0.31 1.07
CA LYS A 6 2.05 -1.24 1.12
C LYS A 6 0.73 -0.50 1.03
N VAL A 7 0.66 0.67 1.66
CA VAL A 7 -0.55 1.49 1.65
C VAL A 7 -1.06 1.70 0.23
N VAL A 8 -0.17 2.17 -0.64
CA VAL A 8 -0.53 2.43 -2.03
C VAL A 8 -1.07 1.16 -2.69
N LYS A 9 -0.83 0.02 -2.07
CA LYS A 9 -1.31 -1.25 -2.60
C LYS A 9 -2.75 -1.51 -2.19
N TRP A 10 -3.39 -0.48 -1.64
CA TRP A 10 -4.78 -0.59 -1.21
C TRP A 10 -5.68 -1.00 -2.38
N VAL A 11 -5.45 -0.40 -3.54
CA VAL A 11 -6.23 -0.69 -4.73
C VAL A 11 -5.75 -1.96 -5.40
N LYS A 12 -4.47 -2.27 -5.22
CA LYS A 12 -3.88 -3.47 -5.82
C LYS A 12 -4.49 -4.73 -5.21
N LYS A 13 -4.65 -4.73 -3.89
CA LYS A 13 -5.22 -5.88 -3.20
C LYS A 13 -6.74 -5.85 -3.26
N VAL A 14 -7.32 -4.66 -3.12
CA VAL A 14 -8.76 -4.50 -3.17
C VAL A 14 -9.18 -3.64 -4.36
N VAL A 1 7.25 4.12 8.22
CA VAL A 1 7.68 4.78 7.00
C VAL A 1 7.66 3.82 5.82
N LYS A 2 7.80 2.54 6.10
CA LYS A 2 7.80 1.51 5.06
C LYS A 2 6.38 1.15 4.66
N TRP A 3 5.45 1.29 5.59
CA TRP A 3 4.05 0.97 5.33
C TRP A 3 3.55 1.69 4.08
N VAL A 4 4.12 2.87 3.82
CA VAL A 4 3.75 3.65 2.65
C VAL A 4 3.86 2.83 1.37
N LYS A 5 4.69 1.79 1.42
CA LYS A 5 4.89 0.92 0.26
C LYS A 5 3.71 -0.04 0.08
N LYS A 6 3.13 -0.46 1.20
CA LYS A 6 1.99 -1.38 1.17
C LYS A 6 0.70 -0.62 0.98
N VAL A 7 0.61 0.57 1.59
CA VAL A 7 -0.59 1.39 1.48
C VAL A 7 -1.00 1.60 0.02
N VAL A 8 -0.05 2.04 -0.80
CA VAL A 8 -0.32 2.26 -2.21
C VAL A 8 -0.83 1.00 -2.89
N LYS A 9 -0.64 -0.13 -2.21
CA LYS A 9 -1.09 -1.42 -2.75
C LYS A 9 -2.57 -1.65 -2.43
N TRP A 10 -3.24 -0.61 -1.95
CA TRP A 10 -4.65 -0.70 -1.61
C TRP A 10 -5.50 -0.92 -2.86
N VAL A 11 -5.17 -0.19 -3.92
CA VAL A 11 -5.90 -0.30 -5.18
C VAL A 11 -5.85 -1.73 -5.72
N LYS A 12 -4.81 -2.46 -5.34
CA LYS A 12 -4.64 -3.83 -5.78
C LYS A 12 -5.24 -4.81 -4.78
N LYS A 13 -5.24 -4.41 -3.51
CA LYS A 13 -5.78 -5.25 -2.44
C LYS A 13 -7.31 -5.26 -2.49
N VAL A 14 -7.90 -4.12 -2.85
CA VAL A 14 -9.34 -4.01 -2.93
C VAL A 14 -9.91 -4.94 -3.99
N VAL A 1 7.70 4.68 6.66
CA VAL A 1 8.25 4.76 5.30
C VAL A 1 8.13 3.43 4.57
N LYS A 2 8.08 2.35 5.34
CA LYS A 2 7.96 1.01 4.76
C LYS A 2 6.50 0.65 4.51
N TRP A 3 5.61 1.26 5.27
CA TRP A 3 4.18 1.02 5.13
C TRP A 3 3.61 1.79 3.96
N VAL A 4 4.07 3.01 3.78
CA VAL A 4 3.60 3.86 2.68
C VAL A 4 3.74 3.15 1.34
N LYS A 5 4.67 2.20 1.27
CA LYS A 5 4.91 1.45 0.05
C LYS A 5 3.81 0.41 -0.16
N LYS A 6 3.31 -0.15 0.94
CA LYS A 6 2.26 -1.16 0.87
C LYS A 6 0.88 -0.51 0.77
N VAL A 7 0.72 0.62 1.45
CA VAL A 7 -0.55 1.34 1.44
C VAL A 7 -1.01 1.60 0.01
N VAL A 8 -0.13 2.19 -0.79
CA VAL A 8 -0.45 2.50 -2.18
C VAL A 8 -0.88 1.25 -2.94
N LYS A 9 -0.58 0.09 -2.36
CA LYS A 9 -0.93 -1.18 -2.98
C LYS A 9 -2.37 -1.57 -2.66
N TRP A 10 -3.11 -0.63 -2.07
CA TRP A 10 -4.51 -0.87 -1.71
C TRP A 10 -5.34 -1.21 -2.94
N VAL A 11 -5.23 -0.36 -3.97
CA VAL A 11 -5.97 -0.57 -5.21
C VAL A 11 -5.64 -1.93 -5.83
N LYS A 12 -4.44 -2.43 -5.53
CA LYS A 12 -3.99 -3.71 -6.06
C LYS A 12 -4.64 -4.86 -5.29
N LYS A 13 -4.95 -4.63 -4.02
CA LYS A 13 -5.58 -5.65 -3.18
C LYS A 13 -7.08 -5.71 -3.44
N VAL A 14 -7.80 -4.69 -2.97
CA VAL A 14 -9.24 -4.62 -3.15
C VAL A 14 -9.61 -4.30 -4.59
N VAL A 1 8.26 4.33 6.49
CA VAL A 1 8.77 4.21 5.13
C VAL A 1 8.48 2.83 4.55
N LYS A 2 8.30 1.86 5.43
CA LYS A 2 8.01 0.49 5.00
C LYS A 2 6.50 0.27 4.88
N TRP A 3 5.73 1.07 5.61
CA TRP A 3 4.28 0.96 5.59
C TRP A 3 3.70 1.60 4.32
N VAL A 4 4.27 2.73 3.94
CA VAL A 4 3.82 3.44 2.74
C VAL A 4 3.77 2.51 1.54
N LYS A 5 4.60 1.49 1.55
CA LYS A 5 4.66 0.53 0.46
C LYS A 5 3.33 -0.23 0.33
N LYS A 6 2.71 -0.51 1.46
CA LYS A 6 1.43 -1.22 1.47
C LYS A 6 0.27 -0.25 1.27
N VAL A 7 0.43 0.97 1.79
CA VAL A 7 -0.60 1.99 1.66
C VAL A 7 -1.07 2.12 0.22
N VAL A 8 -0.15 2.40 -0.68
CA VAL A 8 -0.47 2.54 -2.10
C VAL A 8 -0.96 1.23 -2.69
N LYS A 9 -0.70 0.14 -1.98
CA LYS A 9 -1.10 -1.18 -2.43
C LYS A 9 -2.56 -1.47 -2.04
N TRP A 10 -3.22 -0.46 -1.50
CA TRP A 10 -4.61 -0.60 -1.08
C TRP A 10 -5.52 -0.88 -2.27
N VAL A 11 -5.74 0.14 -3.09
CA VAL A 11 -6.59 0.00 -4.27
C VAL A 11 -6.05 -1.07 -5.22
N LYS A 12 -4.76 -1.37 -5.09
CA LYS A 12 -4.11 -2.37 -5.92
C LYS A 12 -4.91 -3.67 -5.91
N LYS A 13 -5.11 -4.23 -4.73
CA LYS A 13 -5.86 -5.48 -4.59
C LYS A 13 -7.27 -5.21 -4.10
N VAL A 14 -7.39 -4.35 -3.08
CA VAL A 14 -8.68 -4.01 -2.52
C VAL A 14 -9.49 -3.13 -3.47
N VAL A 1 7.84 4.46 7.67
CA VAL A 1 8.36 4.84 6.36
C VAL A 1 8.15 3.71 5.35
N LYS A 2 8.07 2.48 5.84
CA LYS A 2 7.88 1.32 4.98
C LYS A 2 6.38 1.10 4.70
N TRP A 3 5.54 1.57 5.62
CA TRP A 3 4.10 1.41 5.47
C TRP A 3 3.62 2.07 4.18
N VAL A 4 4.21 3.21 3.84
CA VAL A 4 3.83 3.93 2.63
C VAL A 4 3.91 3.03 1.41
N LYS A 5 4.72 1.98 1.49
CA LYS A 5 4.87 1.04 0.39
C LYS A 5 3.68 0.10 0.31
N LYS A 6 3.11 -0.24 1.47
CA LYS A 6 1.96 -1.13 1.53
C LYS A 6 0.66 -0.35 1.32
N VAL A 7 0.62 0.87 1.84
CA VAL A 7 -0.56 1.72 1.70
C VAL A 7 -0.99 1.82 0.24
N VAL A 8 -0.06 2.19 -0.63
CA VAL A 8 -0.35 2.33 -2.05
C VAL A 8 -0.91 1.03 -2.62
N LYS A 9 -0.73 -0.06 -1.89
CA LYS A 9 -1.22 -1.37 -2.32
C LYS A 9 -2.69 -1.53 -1.96
N TRP A 10 -3.33 -0.45 -1.53
CA TRP A 10 -4.74 -0.48 -1.16
C TRP A 10 -5.62 -0.66 -2.38
N VAL A 11 -5.56 0.30 -3.30
CA VAL A 11 -6.35 0.25 -4.52
C VAL A 11 -5.91 -0.90 -5.42
N LYS A 12 -4.68 -1.35 -5.22
CA LYS A 12 -4.13 -2.45 -6.01
C LYS A 12 -5.09 -3.64 -6.03
N LYS A 13 -5.41 -4.15 -4.85
CA LYS A 13 -6.32 -5.28 -4.74
C LYS A 13 -7.69 -4.84 -4.21
N VAL A 14 -7.67 -3.97 -3.19
CA VAL A 14 -8.90 -3.47 -2.60
C VAL A 14 -9.37 -2.21 -3.31
N VAL A 1 7.01 5.04 7.84
CA VAL A 1 7.44 5.72 6.64
C VAL A 1 7.55 4.76 5.46
N LYS A 2 7.87 3.50 5.77
CA LYS A 2 8.00 2.48 4.74
C LYS A 2 6.64 1.91 4.36
N TRP A 3 5.70 1.96 5.28
CA TRP A 3 4.35 1.45 5.05
C TRP A 3 3.73 2.13 3.82
N VAL A 4 4.21 3.32 3.50
CA VAL A 4 3.69 4.06 2.35
C VAL A 4 3.81 3.26 1.07
N LYS A 5 4.68 2.25 1.09
CA LYS A 5 4.89 1.39 -0.08
C LYS A 5 3.77 0.37 -0.20
N LYS A 6 3.27 -0.09 0.95
CA LYS A 6 2.20 -1.07 0.98
C LYS A 6 0.83 -0.41 0.84
N VAL A 7 0.69 0.78 1.44
CA VAL A 7 -0.56 1.52 1.39
C VAL A 7 -1.03 1.69 -0.06
N VAL A 8 -0.15 2.19 -0.91
CA VAL A 8 -0.48 2.39 -2.32
C VAL A 8 -0.94 1.10 -2.96
N LYS A 9 -0.66 -0.02 -2.31
CA LYS A 9 -1.04 -1.34 -2.82
C LYS A 9 -2.49 -1.66 -2.45
N TRP A 10 -3.20 -0.66 -1.94
CA TRP A 10 -4.59 -0.84 -1.55
C TRP A 10 -5.52 -0.67 -2.74
N VAL A 11 -5.29 0.37 -3.54
CA VAL A 11 -6.10 0.64 -4.71
C VAL A 11 -6.07 -0.54 -5.68
N LYS A 12 -4.96 -1.28 -5.66
CA LYS A 12 -4.81 -2.43 -6.54
C LYS A 12 -5.40 -3.69 -5.90
N LYS A 13 -5.30 -3.79 -4.58
CA LYS A 13 -5.83 -4.93 -3.86
C LYS A 13 -7.34 -5.00 -4.00
N VAL A 14 -8.03 -3.96 -3.57
CA VAL A 14 -9.49 -3.90 -3.65
C VAL A 14 -9.96 -3.84 -5.10
N VAL A 1 7.94 4.76 6.57
CA VAL A 1 8.45 4.80 5.21
C VAL A 1 8.34 3.43 4.54
N LYS A 2 8.32 2.39 5.34
CA LYS A 2 8.21 1.02 4.83
C LYS A 2 6.76 0.63 4.64
N TRP A 3 5.87 1.26 5.40
CA TRP A 3 4.44 0.98 5.31
C TRP A 3 3.82 1.72 4.13
N VAL A 4 4.26 2.96 3.92
CA VAL A 4 3.75 3.77 2.82
C VAL A 4 3.84 3.04 1.49
N LYS A 5 4.78 2.10 1.41
CA LYS A 5 4.99 1.32 0.19
C LYS A 5 3.89 0.25 0.04
N LYS A 6 3.44 -0.28 1.16
CA LYS A 6 2.40 -1.30 1.15
C LYS A 6 1.01 -0.67 1.10
N VAL A 7 0.86 0.47 1.77
CA VAL A 7 -0.42 1.18 1.79
C VAL A 7 -0.95 1.41 0.38
N VAL A 8 -0.11 1.99 -0.48
CA VAL A 8 -0.49 2.26 -1.85
C VAL A 8 -0.93 0.99 -2.56
N LYS A 9 -0.57 -0.16 -2.00
CA LYS A 9 -0.92 -1.45 -2.57
C LYS A 9 -2.35 -1.83 -2.19
N TRP A 10 -3.04 -0.93 -1.51
CA TRP A 10 -4.42 -1.17 -1.08
C TRP A 10 -5.36 -1.24 -2.29
N VAL A 11 -5.14 -0.37 -3.25
CA VAL A 11 -5.96 -0.35 -4.46
C VAL A 11 -5.83 -1.64 -5.25
N LYS A 12 -4.69 -2.31 -5.08
CA LYS A 12 -4.44 -3.57 -5.78
C LYS A 12 -4.92 -4.75 -4.94
N LYS A 13 -4.90 -4.59 -3.63
CA LYS A 13 -5.33 -5.64 -2.72
C LYS A 13 -6.85 -5.71 -2.65
N VAL A 14 -7.51 -4.59 -2.91
CA VAL A 14 -8.96 -4.52 -2.89
C VAL A 14 -9.55 -4.99 -4.21
#